data_6J3F
#
_entry.id   6J3F
#
_cell.length_a   73.093
_cell.length_b   105.714
_cell.length_c   94.649
_cell.angle_alpha   90.00
_cell.angle_beta   90.00
_cell.angle_gamma   90.00
#
_symmetry.space_group_name_H-M   'P 21 21 21'
#
loop_
_entity.id
_entity.type
_entity.pdbx_description
1 polymer 'glutathione S-transferase'
2 non-polymer GLUTATHIONE
3 non-polymer 1,2-ETHANEDIOL
4 water water
#
_entity_poly.entity_id   1
_entity_poly.type   'polypeptide(L)'
_entity_poly.pdbx_seq_one_letter_code
;MSNVIQFYDIPGNATPDKAWSPNTWKTRYTLNFKGIPYKTIWVEYPDIASVCKEIGAEPTSIRPDGPYYTLPVIHDPSTG
KTISDSAAIARYLDKTYPDTPVVIPPETDALHAAFNFAFSEAIVRALAPIMLPATNAQLNPRSEEFFRRTREESAGGVKL
EDWAPPGSEKRAKAWEKIRAGFGQIAKWLSADGNDKLLFLGDKVSYADITIVGWVIWVKRVLGPDSAEWKDFETWDDGKW
AKQLALFEKYEVVPDA
;
_entity_poly.pdbx_strand_id   A,B
#
loop_
_chem_comp.id
_chem_comp.type
_chem_comp.name
_chem_comp.formula
EDO non-polymer 1,2-ETHANEDIOL 'C2 H6 O2'
GSH non-polymer GLUTATHIONE 'C10 H17 N3 O6 S'
#
# COMPACT_ATOMS: atom_id res chain seq x y z
N ASN A 3 19.43 -33.01 -2.80
CA ASN A 3 20.38 -31.92 -3.05
C ASN A 3 19.71 -30.70 -3.71
N VAL A 4 18.39 -30.76 -3.96
CA VAL A 4 17.64 -29.63 -4.51
C VAL A 4 17.04 -28.80 -3.40
N ILE A 5 16.52 -27.62 -3.73
CA ILE A 5 15.82 -26.82 -2.74
C ILE A 5 14.57 -27.57 -2.29
N GLN A 6 14.34 -27.56 -0.98
CA GLN A 6 13.13 -28.15 -0.40
C GLN A 6 12.14 -27.05 -0.07
N PHE A 7 10.95 -27.19 -0.63
CA PHE A 7 9.88 -26.19 -0.57
C PHE A 7 8.76 -26.79 0.26
N TYR A 8 8.45 -26.15 1.39
CA TYR A 8 7.47 -26.66 2.34
C TYR A 8 6.11 -26.04 2.05
N ASP A 9 5.10 -26.89 1.80
CA ASP A 9 3.77 -26.49 1.35
C ASP A 9 2.75 -27.19 2.23
N ILE A 10 1.49 -26.75 2.13
CA ILE A 10 0.36 -27.31 2.85
C ILE A 10 -0.53 -28.03 1.83
N PRO A 11 -0.77 -29.33 1.98
CA PRO A 11 -1.63 -30.04 1.03
C PRO A 11 -3.11 -29.78 1.30
N GLY A 12 -3.89 -29.80 0.21
CA GLY A 12 -5.33 -29.71 0.28
C GLY A 12 -5.95 -30.57 -0.81
N ASN A 13 -7.28 -30.55 -0.86
CA ASN A 13 -8.03 -31.45 -1.73
C ASN A 13 -8.76 -30.72 -2.86
N ALA A 14 -8.60 -29.41 -3.01
CA ALA A 14 -9.35 -28.69 -4.06
C ALA A 14 -8.88 -29.09 -5.46
N THR A 15 -7.63 -29.48 -5.62
CA THR A 15 -7.09 -29.89 -6.89
C THR A 15 -6.37 -31.22 -6.71
N PRO A 16 -6.26 -32.00 -7.79
CA PRO A 16 -5.40 -33.20 -7.75
C PRO A 16 -4.00 -32.94 -7.24
N ASP A 17 -3.34 -31.87 -7.71
CA ASP A 17 -1.93 -31.67 -7.38
C ASP A 17 -1.68 -31.26 -5.93
N LYS A 18 -2.75 -31.02 -5.15
CA LYS A 18 -2.74 -30.75 -3.72
C LYS A 18 -2.36 -29.31 -3.40
N ALA A 19 -1.93 -28.50 -4.37
CA ALA A 19 -1.51 -27.13 -4.09
C ALA A 19 -2.70 -26.19 -4.11
N TRP A 20 -2.88 -25.44 -3.02
CA TRP A 20 -3.97 -24.48 -2.91
C TRP A 20 -3.58 -23.18 -2.23
N SER A 21 -2.53 -23.13 -1.42
CA SER A 21 -2.30 -22.00 -0.54
C SER A 21 -2.03 -20.73 -1.33
N PRO A 22 -2.62 -19.59 -0.93
CA PRO A 22 -2.24 -18.33 -1.58
C PRO A 22 -0.80 -17.93 -1.33
N ASN A 23 -0.31 -18.14 -0.09
CA ASN A 23 1.04 -17.70 0.25
C ASN A 23 2.09 -18.64 -0.32
N THR A 24 1.82 -19.96 -0.36
CA THR A 24 2.83 -20.83 -0.93
C THR A 24 2.81 -20.78 -2.44
N TRP A 25 1.65 -20.52 -3.06
CA TRP A 25 1.66 -20.36 -4.50
C TRP A 25 2.52 -19.17 -4.91
N LYS A 26 2.57 -18.12 -4.10
CA LYS A 26 3.46 -17.01 -4.44
C LYS A 26 4.89 -17.52 -4.63
N THR A 27 5.36 -18.36 -3.70
CA THR A 27 6.69 -18.97 -3.82
C THR A 27 6.72 -20.07 -4.87
N ARG A 28 5.63 -20.83 -5.06
CA ARG A 28 5.64 -21.86 -6.09
C ARG A 28 5.68 -21.22 -7.48
N TYR A 29 4.90 -20.16 -7.71
CA TYR A 29 5.08 -19.37 -8.93
C TYR A 29 6.51 -18.84 -9.02
N THR A 30 7.07 -18.39 -7.89
CA THR A 30 8.38 -17.74 -7.93
C THR A 30 9.45 -18.73 -8.34
N LEU A 31 9.43 -19.92 -7.76
CA LEU A 31 10.38 -20.97 -8.12
C LEU A 31 10.23 -21.37 -9.58
N ASN A 32 9.00 -21.59 -10.02
CA ASN A 32 8.76 -22.01 -11.41
C ASN A 32 9.17 -20.93 -12.40
N PHE A 33 8.76 -19.67 -12.16
CA PHE A 33 9.12 -18.58 -13.06
C PHE A 33 10.63 -18.42 -13.16
N LYS A 34 11.32 -18.51 -12.02
CA LYS A 34 12.77 -18.44 -12.03
C LYS A 34 13.41 -19.70 -12.60
N GLY A 35 12.64 -20.77 -12.72
CA GLY A 35 13.15 -22.00 -13.30
C GLY A 35 14.14 -22.71 -12.41
N ILE A 36 13.93 -22.68 -11.10
CA ILE A 36 14.82 -23.29 -10.12
C ILE A 36 14.22 -24.62 -9.69
N PRO A 37 14.93 -25.73 -9.83
CA PRO A 37 14.37 -27.03 -9.41
C PRO A 37 14.28 -27.12 -7.90
N TYR A 38 13.22 -27.78 -7.43
CA TYR A 38 12.90 -27.88 -6.03
C TYR A 38 12.04 -29.12 -5.83
N LYS A 39 11.88 -29.50 -4.58
CA LYS A 39 11.07 -30.65 -4.22
C LYS A 39 10.06 -30.18 -3.17
N THR A 40 8.78 -30.35 -3.44
CA THR A 40 7.77 -30.01 -2.43
C THR A 40 7.76 -31.09 -1.36
N ILE A 41 7.60 -30.68 -0.09
CA ILE A 41 7.30 -31.62 0.97
C ILE A 41 6.13 -31.07 1.77
N TRP A 42 5.08 -31.88 1.92
CA TRP A 42 3.77 -31.45 2.39
C TRP A 42 3.67 -31.52 3.90
N VAL A 43 3.18 -30.45 4.51
CA VAL A 43 3.03 -30.33 5.96
C VAL A 43 1.61 -29.89 6.26
N GLU A 44 0.94 -30.62 7.16
CA GLU A 44 -0.36 -30.19 7.66
C GLU A 44 -0.17 -28.99 8.59
N TYR A 45 -1.21 -28.16 8.69
CA TYR A 45 -1.22 -26.99 9.54
C TYR A 45 -0.68 -27.29 10.94
N PRO A 46 -1.24 -28.23 11.70
CA PRO A 46 -0.78 -28.39 13.09
C PRO A 46 0.69 -28.77 13.21
N ASP A 47 1.35 -29.20 12.14
CA ASP A 47 2.76 -29.56 12.15
C ASP A 47 3.68 -28.44 11.67
N ILE A 48 3.14 -27.31 11.22
CA ILE A 48 3.98 -26.26 10.67
C ILE A 48 4.98 -25.77 11.71
N ALA A 49 4.51 -25.40 12.90
CA ALA A 49 5.43 -24.89 13.92
C ALA A 49 6.48 -25.94 14.28
N SER A 50 6.07 -27.20 14.37
CA SER A 50 7.02 -28.22 14.77
C SER A 50 8.09 -28.42 13.69
N VAL A 51 7.72 -28.38 12.40
CA VAL A 51 8.70 -28.58 11.34
C VAL A 51 9.63 -27.39 11.23
N CYS A 52 9.10 -26.17 11.38
CA CYS A 52 9.94 -24.98 11.29
C CYS A 52 11.05 -25.01 12.34
N LYS A 53 10.70 -25.33 13.59
CA LYS A 53 11.71 -25.47 14.63
C LYS A 53 12.74 -26.53 14.23
N GLU A 54 12.27 -27.64 13.65
CA GLU A 54 13.15 -28.75 13.31
C GLU A 54 14.21 -28.34 12.28
N ILE A 55 13.82 -27.53 11.30
CA ILE A 55 14.72 -27.17 10.20
C ILE A 55 15.26 -25.75 10.35
N GLY A 56 15.04 -25.10 11.49
CA GLY A 56 15.60 -23.77 11.70
C GLY A 56 14.95 -22.65 10.89
N ALA A 57 13.68 -22.76 10.59
CA ALA A 57 12.96 -21.68 9.91
C ALA A 57 12.59 -20.59 10.91
N GLU A 58 12.86 -19.35 10.55
CA GLU A 58 12.37 -18.22 11.33
C GLU A 58 10.84 -18.21 11.39
N PRO A 59 10.27 -17.76 12.49
CA PRO A 59 8.87 -17.36 12.47
C PRO A 59 8.70 -16.06 11.69
N THR A 60 7.59 -15.96 10.94
CA THR A 60 7.38 -14.81 10.06
C THR A 60 6.78 -13.61 10.74
N SER A 61 6.27 -13.74 11.97
CA SER A 61 5.86 -12.59 12.75
C SER A 61 5.82 -12.97 14.21
N ILE A 62 5.98 -11.97 15.06
CA ILE A 62 6.05 -12.15 16.51
C ILE A 62 5.05 -11.18 17.14
N ARG A 63 4.01 -11.76 17.74
CA ARG A 63 2.95 -11.10 18.51
C ARG A 63 3.12 -11.46 19.99
N PRO A 64 2.64 -10.59 20.94
CA PRO A 64 2.72 -10.92 22.35
C PRO A 64 2.54 -12.38 22.71
N ASP A 65 1.61 -13.07 22.05
CA ASP A 65 1.31 -14.45 22.41
C ASP A 65 2.22 -15.47 21.69
N GLY A 66 3.38 -15.05 21.19
CA GLY A 66 4.39 -15.98 20.73
C GLY A 66 4.86 -15.79 19.30
N PRO A 67 5.98 -16.43 18.95
CA PRO A 67 6.38 -16.51 17.54
C PRO A 67 5.30 -17.20 16.73
N TYR A 68 5.16 -16.76 15.48
CA TYR A 68 4.12 -17.28 14.60
C TYR A 68 4.79 -17.88 13.37
N TYR A 69 4.65 -19.20 13.20
CA TYR A 69 5.34 -19.95 12.15
C TYR A 69 4.38 -20.18 10.99
N THR A 70 4.82 -19.89 9.78
CA THR A 70 3.99 -20.03 8.59
C THR A 70 4.75 -20.71 7.47
N LEU A 71 3.98 -21.17 6.49
CA LEU A 71 4.52 -21.63 5.23
C LEU A 71 4.16 -20.52 4.24
N PRO A 72 4.93 -20.37 3.14
CA PRO A 72 5.99 -21.24 2.66
C PRO A 72 7.29 -21.04 3.36
N VAL A 73 8.15 -22.05 3.29
CA VAL A 73 9.54 -21.98 3.69
C VAL A 73 10.36 -22.76 2.67
N ILE A 74 11.60 -22.34 2.45
CA ILE A 74 12.51 -23.15 1.66
C ILE A 74 13.78 -23.39 2.45
N HIS A 75 14.38 -24.55 2.23
CA HIS A 75 15.74 -24.86 2.67
C HIS A 75 16.59 -25.13 1.44
N ASP A 76 17.75 -24.46 1.37
CA ASP A 76 18.67 -24.53 0.24
C ASP A 76 19.91 -25.34 0.63
N PRO A 77 19.94 -26.66 0.37
CA PRO A 77 21.12 -27.45 0.77
C PRO A 77 22.40 -26.93 0.17
N SER A 78 22.31 -26.33 -1.02
CA SER A 78 23.47 -25.71 -1.65
C SER A 78 24.11 -24.67 -0.74
N THR A 79 23.33 -23.92 0.03
CA THR A 79 23.88 -22.90 0.92
C THR A 79 23.68 -23.17 2.39
N GLY A 80 22.85 -24.14 2.77
CA GLY A 80 22.54 -24.38 4.16
C GLY A 80 21.52 -23.44 4.81
N LYS A 81 20.87 -22.56 4.04
CA LYS A 81 20.00 -21.55 4.63
C LYS A 81 18.52 -21.93 4.55
N THR A 82 17.78 -21.55 5.59
CA THR A 82 16.34 -21.77 5.66
C THR A 82 15.66 -20.40 5.65
N ILE A 83 14.73 -20.20 4.71
CA ILE A 83 14.10 -18.90 4.53
C ILE A 83 12.59 -19.05 4.63
N SER A 84 11.99 -18.19 5.43
CA SER A 84 10.55 -18.17 5.64
C SER A 84 10.01 -16.84 5.16
N ASP A 85 8.74 -16.86 4.75
CA ASP A 85 7.98 -15.75 4.22
C ASP A 85 8.25 -15.62 2.72
N SER A 86 7.18 -15.63 1.93
CA SER A 86 7.30 -15.66 0.47
C SER A 86 8.10 -14.46 -0.07
N ALA A 87 7.86 -13.26 0.47
CA ALA A 87 8.64 -12.10 0.02
C ALA A 87 10.13 -12.24 0.36
N ALA A 88 10.46 -12.77 1.54
CA ALA A 88 11.86 -13.01 1.87
C ALA A 88 12.46 -14.09 0.98
N ILE A 89 11.66 -15.08 0.61
CA ILE A 89 12.16 -16.14 -0.26
C ILE A 89 12.50 -15.58 -1.63
N ALA A 90 11.62 -14.73 -2.18
CA ALA A 90 11.91 -14.11 -3.48
C ALA A 90 13.18 -13.26 -3.43
N ARG A 91 13.35 -12.45 -2.38
CA ARG A 91 14.60 -11.70 -2.26
C ARG A 91 15.79 -12.65 -2.15
N TYR A 92 15.66 -13.71 -1.35
CA TYR A 92 16.77 -14.66 -1.21
C TYR A 92 17.10 -15.32 -2.54
N LEU A 93 16.09 -15.69 -3.33
CA LEU A 93 16.35 -16.35 -4.60
C LEU A 93 16.99 -15.39 -5.61
N ASP A 94 16.59 -14.12 -5.60
CA ASP A 94 17.18 -13.11 -6.47
C ASP A 94 18.70 -13.00 -6.24
N LYS A 95 19.13 -12.77 -4.99
CA LYS A 95 20.55 -12.58 -4.75
C LYS A 95 21.33 -13.88 -4.90
N THR A 96 20.71 -15.02 -4.59
CA THR A 96 21.47 -16.27 -4.51
C THR A 96 21.60 -16.95 -5.86
N TYR A 97 20.63 -16.76 -6.75
CA TYR A 97 20.69 -17.30 -8.10
C TYR A 97 20.53 -16.13 -9.07
N PRO A 98 21.57 -15.31 -9.23
CA PRO A 98 21.44 -14.07 -10.02
C PRO A 98 21.23 -14.29 -11.50
N ASP A 99 21.53 -15.49 -12.01
CA ASP A 99 21.37 -15.75 -13.43
C ASP A 99 19.95 -16.13 -13.80
N THR A 100 19.06 -16.17 -12.83
CA THR A 100 17.64 -16.39 -13.07
C THR A 100 16.95 -15.05 -13.18
N PRO A 101 15.79 -15.00 -13.86
CA PRO A 101 15.10 -13.72 -14.04
C PRO A 101 14.74 -13.08 -12.71
N VAL A 102 15.19 -11.83 -12.53
CA VAL A 102 14.97 -11.10 -11.29
C VAL A 102 13.49 -10.78 -11.14
N VAL A 103 12.96 -10.92 -9.92
CA VAL A 103 11.57 -10.55 -9.66
C VAL A 103 11.45 -9.26 -8.85
N ILE A 104 12.48 -8.87 -8.09
CA ILE A 104 12.43 -7.60 -7.35
C ILE A 104 13.64 -6.75 -7.72
N PRO A 105 13.59 -6.00 -8.83
CA PRO A 105 14.66 -5.06 -9.16
C PRO A 105 14.94 -4.14 -7.99
N PRO A 106 16.22 -3.90 -7.68
CA PRO A 106 16.57 -3.26 -6.40
C PRO A 106 16.02 -1.87 -6.21
N GLU A 107 15.89 -1.05 -7.26
CA GLU A 107 15.31 0.28 -7.10
C GLU A 107 13.81 0.21 -6.85
N THR A 108 13.18 -0.94 -7.08
CA THR A 108 11.78 -1.15 -6.75
C THR A 108 11.60 -1.96 -5.46
N ASP A 109 12.68 -2.24 -4.73
CA ASP A 109 12.57 -3.13 -3.57
C ASP A 109 11.69 -2.51 -2.50
N ALA A 110 11.91 -1.24 -2.17
CA ALA A 110 11.10 -0.64 -1.10
C ALA A 110 9.64 -0.47 -1.53
N LEU A 111 9.40 -0.09 -2.80
CA LEU A 111 8.04 0.03 -3.31
C LEU A 111 7.35 -1.33 -3.35
N HIS A 112 8.10 -2.41 -3.61
CA HIS A 112 7.52 -3.74 -3.43
C HIS A 112 7.05 -3.97 -2.00
N ALA A 113 7.80 -3.46 -1.01
CA ALA A 113 7.38 -3.70 0.37
C ALA A 113 6.17 -2.85 0.73
N ALA A 114 6.10 -1.63 0.22
CA ALA A 114 4.84 -0.90 0.37
C ALA A 114 3.71 -1.57 -0.37
N PHE A 115 3.99 -2.20 -1.52
CA PHE A 115 2.92 -2.83 -2.29
C PHE A 115 2.33 -4.01 -1.52
N ASN A 116 3.18 -4.74 -0.79
CA ASN A 116 2.71 -5.86 0.01
C ASN A 116 1.71 -5.40 1.06
N PHE A 117 2.02 -4.30 1.76
CA PHE A 117 1.06 -3.73 2.68
C PHE A 117 -0.20 -3.24 1.96
N ALA A 118 -0.04 -2.52 0.85
CA ALA A 118 -1.21 -2.04 0.11
C ALA A 118 -2.08 -3.19 -0.33
N PHE A 119 -1.46 -4.28 -0.77
CA PHE A 119 -2.23 -5.43 -1.22
C PHE A 119 -2.95 -6.13 -0.06
N SER A 120 -2.24 -6.37 1.04
CA SER A 120 -2.88 -6.98 2.21
C SER A 120 -4.13 -6.20 2.60
N GLU A 121 -3.97 -4.89 2.72
CA GLU A 121 -5.08 -4.03 3.14
C GLU A 121 -6.21 -4.06 2.13
N ALA A 122 -5.91 -4.12 0.84
CA ALA A 122 -6.96 -3.96 -0.17
C ALA A 122 -7.65 -5.27 -0.49
N ILE A 123 -6.92 -6.38 -0.43
CA ILE A 123 -7.40 -7.66 -0.95
C ILE A 123 -7.59 -8.68 0.17
N VAL A 124 -6.54 -8.91 0.97
CA VAL A 124 -6.52 -10.09 1.82
C VAL A 124 -7.66 -10.08 2.82
N ARG A 125 -7.85 -8.97 3.54
CA ARG A 125 -8.90 -8.95 4.55
C ARG A 125 -10.28 -9.13 3.92
N ALA A 126 -10.50 -8.57 2.75
CA ALA A 126 -11.79 -8.68 2.09
C ALA A 126 -12.09 -10.13 1.68
N LEU A 127 -11.06 -10.86 1.25
CA LEU A 127 -11.23 -12.25 0.84
C LEU A 127 -11.61 -13.17 1.99
N ALA A 128 -11.12 -12.89 3.20
CA ALA A 128 -11.21 -13.83 4.32
C ALA A 128 -12.61 -14.35 4.61
N PRO A 129 -13.66 -13.52 4.71
CA PRO A 129 -14.96 -14.09 5.09
C PRO A 129 -15.46 -15.16 4.14
N ILE A 130 -15.08 -15.10 2.87
CA ILE A 130 -15.52 -16.07 1.88
C ILE A 130 -14.50 -17.18 1.71
N MET A 131 -13.22 -16.84 1.72
CA MET A 131 -12.19 -17.79 1.33
C MET A 131 -11.69 -18.67 2.47
N LEU A 132 -11.63 -18.19 3.71
CA LEU A 132 -11.19 -19.07 4.80
C LEU A 132 -12.17 -20.23 5.02
N PRO A 133 -13.50 -20.03 5.07
CA PRO A 133 -14.38 -21.20 5.18
C PRO A 133 -14.25 -22.17 4.01
N ALA A 134 -14.13 -21.65 2.78
CA ALA A 134 -14.05 -22.53 1.63
C ALA A 134 -12.75 -23.34 1.63
N THR A 135 -11.64 -22.77 2.11
CA THR A 135 -10.42 -23.56 2.16
C THR A 135 -10.44 -24.56 3.30
N ASN A 136 -11.21 -24.27 4.35
CA ASN A 136 -11.36 -25.23 5.42
C ASN A 136 -11.99 -26.51 4.91
N ALA A 137 -12.93 -26.40 4.00
CA ALA A 137 -13.69 -27.56 3.53
C ALA A 137 -12.90 -28.47 2.62
N GLN A 138 -11.66 -28.12 2.26
CA GLN A 138 -10.84 -28.98 1.40
C GLN A 138 -9.53 -29.36 2.09
N LEU A 139 -9.41 -29.16 3.39
CA LEU A 139 -8.23 -29.56 4.15
C LEU A 139 -8.38 -30.98 4.70
N ASN A 140 -7.27 -31.73 4.70
CA ASN A 140 -7.21 -33.03 5.35
C ASN A 140 -7.58 -32.88 6.83
N PRO A 141 -8.16 -33.93 7.44
CA PRO A 141 -8.81 -33.74 8.76
C PRO A 141 -7.90 -33.23 9.87
N ARG A 142 -6.64 -33.66 9.91
CA ARG A 142 -5.70 -33.10 10.90
C ARG A 142 -5.59 -31.59 10.75
N SER A 143 -5.59 -31.07 9.50
CA SER A 143 -5.52 -29.64 9.27
C SER A 143 -6.87 -28.96 9.52
N GLU A 144 -7.98 -29.57 9.09
CA GLU A 144 -9.31 -29.01 9.34
C GLU A 144 -9.55 -28.76 10.81
N GLU A 145 -9.14 -29.69 11.67
CA GLU A 145 -9.32 -29.48 13.11
C GLU A 145 -8.61 -28.21 13.55
N PHE A 146 -7.32 -28.10 13.18
CA PHE A 146 -6.52 -26.93 13.55
C PHE A 146 -7.05 -25.65 12.90
N PHE A 147 -7.49 -25.74 11.64
CA PHE A 147 -7.90 -24.54 10.93
C PHE A 147 -9.22 -23.98 11.46
N ARG A 148 -10.25 -24.82 11.53
CA ARG A 148 -11.54 -24.38 12.04
C ARG A 148 -11.43 -23.83 13.45
N ARG A 149 -10.62 -24.48 14.29
CA ARG A 149 -10.50 -24.06 15.68
C ARG A 149 -9.86 -22.67 15.79
N THR A 150 -8.66 -22.50 15.21
CA THR A 150 -7.97 -21.22 15.31
C THR A 150 -8.77 -20.10 14.63
N ARG A 151 -9.41 -20.39 13.50
CA ARG A 151 -10.10 -19.33 12.78
C ARG A 151 -11.40 -18.94 13.47
N GLU A 152 -12.18 -19.92 13.92
CA GLU A 152 -13.38 -19.59 14.69
C GLU A 152 -13.02 -18.81 15.94
N GLU A 153 -11.92 -19.18 16.60
CA GLU A 153 -11.52 -18.44 17.80
C GLU A 153 -11.13 -17.02 17.46
N SER A 154 -10.30 -16.84 16.42
CA SER A 154 -9.89 -15.52 15.95
C SER A 154 -11.06 -14.66 15.48
N ALA A 155 -12.25 -15.25 15.27
CA ALA A 155 -13.44 -14.51 14.84
C ALA A 155 -14.52 -14.46 15.93
N GLY A 156 -14.11 -14.53 17.20
CA GLY A 156 -15.03 -14.38 18.31
C GLY A 156 -15.95 -15.54 18.58
N GLY A 157 -15.72 -16.70 17.95
CA GLY A 157 -16.57 -17.85 18.12
C GLY A 157 -17.56 -18.09 17.01
N VAL A 158 -17.60 -17.24 15.99
CA VAL A 158 -18.56 -17.44 14.91
C VAL A 158 -18.13 -18.65 14.09
N LYS A 159 -19.03 -19.62 13.96
CA LYS A 159 -18.75 -20.78 13.13
C LYS A 159 -18.48 -20.34 11.69
N LEU A 160 -17.58 -21.08 11.05
CA LEU A 160 -17.19 -20.76 9.68
C LEU A 160 -18.40 -20.70 8.74
N GLU A 161 -19.34 -21.63 8.90
CA GLU A 161 -20.49 -21.69 8.02
C GLU A 161 -21.39 -20.46 8.12
N ASP A 162 -21.22 -19.65 9.16
CA ASP A 162 -21.98 -18.42 9.35
C ASP A 162 -21.24 -17.15 8.93
N TRP A 163 -20.03 -17.25 8.39
CA TRP A 163 -19.23 -16.04 8.12
C TRP A 163 -19.83 -15.24 6.96
N ALA A 164 -20.20 -15.93 5.90
CA ALA A 164 -20.69 -15.36 4.65
C ALA A 164 -21.40 -16.47 3.88
N PRO A 165 -22.49 -17.02 4.43
CA PRO A 165 -23.09 -18.20 3.81
C PRO A 165 -23.70 -17.88 2.46
N PRO A 166 -23.80 -18.86 1.57
CA PRO A 166 -24.40 -18.61 0.25
C PRO A 166 -25.80 -18.03 0.35
N GLY A 167 -26.14 -17.18 -0.62
CA GLY A 167 -27.40 -16.50 -0.64
C GLY A 167 -27.59 -15.45 0.42
N SER A 168 -26.64 -15.22 1.31
CA SER A 168 -26.85 -14.26 2.39
C SER A 168 -26.43 -12.87 1.96
N GLU A 169 -26.91 -11.89 2.71
CA GLU A 169 -26.45 -10.54 2.46
C GLU A 169 -25.06 -10.31 3.01
N LYS A 170 -24.65 -11.07 4.03
CA LYS A 170 -23.25 -11.06 4.43
C LYS A 170 -22.36 -11.44 3.27
N ARG A 171 -22.73 -12.47 2.51
CA ARG A 171 -21.89 -12.87 1.40
C ARG A 171 -21.96 -11.89 0.24
N ALA A 172 -23.12 -11.29 0.00
CA ALA A 172 -23.21 -10.31 -1.08
C ALA A 172 -22.31 -9.11 -0.80
N LYS A 173 -22.27 -8.64 0.45
CA LYS A 173 -21.44 -7.47 0.75
C LYS A 173 -19.97 -7.84 0.84
N ALA A 174 -19.64 -9.07 1.22
CA ALA A 174 -18.24 -9.48 1.17
C ALA A 174 -17.72 -9.43 -0.27
N TRP A 175 -18.57 -9.83 -1.23
CA TRP A 175 -18.15 -9.85 -2.62
C TRP A 175 -17.97 -8.45 -3.16
N GLU A 176 -18.83 -7.50 -2.76
CA GLU A 176 -18.65 -6.16 -3.26
C GLU A 176 -17.38 -5.54 -2.68
N LYS A 177 -17.00 -5.90 -1.46
CA LYS A 177 -15.77 -5.38 -0.87
C LYS A 177 -14.54 -5.97 -1.56
N ILE A 178 -14.61 -7.25 -1.94
CA ILE A 178 -13.54 -7.87 -2.71
C ILE A 178 -13.43 -7.23 -4.09
N ARG A 179 -14.58 -7.02 -4.74
CA ARG A 179 -14.59 -6.48 -6.09
C ARG A 179 -13.98 -5.09 -6.10
N ALA A 180 -14.39 -4.26 -5.15
CA ALA A 180 -13.81 -2.92 -5.03
C ALA A 180 -12.31 -2.99 -4.72
N GLY A 181 -11.88 -3.98 -3.92
CA GLY A 181 -10.45 -4.12 -3.65
C GLY A 181 -9.64 -4.38 -4.91
N PHE A 182 -10.12 -5.29 -5.76
CA PHE A 182 -9.43 -5.50 -7.03
C PHE A 182 -9.56 -4.29 -7.95
N GLY A 183 -10.60 -3.46 -7.78
CA GLY A 183 -10.71 -2.25 -8.56
C GLY A 183 -9.55 -1.31 -8.30
N GLN A 184 -9.06 -1.26 -7.06
CA GLN A 184 -7.94 -0.38 -6.81
C GLN A 184 -6.68 -0.89 -7.46
N ILE A 185 -6.48 -2.21 -7.54
CA ILE A 185 -5.32 -2.70 -8.27
C ILE A 185 -5.45 -2.33 -9.73
N ALA A 186 -6.66 -2.48 -10.29
CA ALA A 186 -6.92 -2.00 -11.65
C ALA A 186 -6.58 -0.52 -11.79
N LYS A 187 -6.93 0.31 -10.79
CA LYS A 187 -6.55 1.72 -10.86
C LYS A 187 -5.02 1.89 -10.83
N TRP A 188 -4.32 1.12 -9.99
CA TRP A 188 -2.87 1.26 -9.90
C TRP A 188 -2.19 0.88 -11.21
N LEU A 189 -2.65 -0.21 -11.84
CA LEU A 189 -2.07 -0.68 -13.08
C LEU A 189 -2.30 0.26 -14.26
N SER A 190 -3.19 1.25 -14.13
CA SER A 190 -3.48 2.16 -15.21
C SER A 190 -3.44 3.62 -14.76
N ALA A 191 -2.71 3.90 -13.68
CA ALA A 191 -2.66 5.25 -13.11
C ALA A 191 -2.05 6.29 -14.06
N ASP A 192 -1.23 5.88 -15.02
CA ASP A 192 -0.65 6.79 -16.00
C ASP A 192 -1.39 6.74 -17.34
N GLY A 193 -2.56 6.09 -17.40
CA GLY A 193 -3.32 5.93 -18.63
C GLY A 193 -2.87 4.76 -19.50
N ASN A 194 -1.67 4.25 -19.28
CA ASN A 194 -1.20 3.02 -19.92
C ASN A 194 -1.66 1.84 -19.06
N ASP A 195 -2.70 1.13 -19.53
CA ASP A 195 -3.38 0.06 -18.76
C ASP A 195 -2.60 -1.25 -18.81
N LYS A 196 -1.76 -1.49 -17.80
CA LYS A 196 -0.82 -2.61 -17.82
C LYS A 196 -1.42 -3.87 -17.17
N LEU A 197 -0.85 -5.01 -17.55
CA LEU A 197 -1.10 -6.26 -16.86
C LEU A 197 -0.01 -6.56 -15.84
N LEU A 198 1.18 -5.99 -16.04
CA LEU A 198 2.33 -6.22 -15.18
C LEU A 198 2.75 -4.90 -14.55
N PHE A 199 3.12 -4.93 -13.28
CA PHE A 199 3.40 -3.69 -12.57
C PHE A 199 4.56 -2.92 -13.20
N LEU A 200 5.63 -3.61 -13.62
CA LEU A 200 6.76 -2.93 -14.23
C LEU A 200 6.51 -2.53 -15.68
N GLY A 201 5.47 -3.06 -16.31
CA GLY A 201 5.14 -2.78 -17.70
C GLY A 201 5.25 -3.99 -18.60
N ASP A 202 6.47 -4.32 -19.00
CA ASP A 202 6.74 -5.45 -19.86
C ASP A 202 7.42 -6.60 -19.14
N LYS A 203 8.01 -6.36 -17.97
CA LYS A 203 8.73 -7.37 -17.23
C LYS A 203 7.91 -7.87 -16.03
N VAL A 204 8.01 -9.17 -15.78
CA VAL A 204 7.37 -9.79 -14.63
C VAL A 204 8.07 -9.35 -13.36
N SER A 205 7.30 -9.06 -12.31
CA SER A 205 7.90 -8.77 -11.01
C SER A 205 7.12 -9.48 -9.93
N TYR A 206 7.70 -9.51 -8.72
CA TYR A 206 7.08 -10.21 -7.62
C TYR A 206 5.71 -9.62 -7.29
N ALA A 207 5.51 -8.32 -7.55
CA ALA A 207 4.19 -7.73 -7.37
C ALA A 207 3.16 -8.46 -8.22
N ASP A 208 3.52 -8.80 -9.46
CA ASP A 208 2.61 -9.56 -10.32
C ASP A 208 2.40 -10.96 -9.75
N ILE A 209 3.48 -11.57 -9.24
CA ILE A 209 3.38 -12.91 -8.70
C ILE A 209 2.48 -12.93 -7.46
N THR A 210 2.56 -11.87 -6.66
CA THR A 210 1.70 -11.76 -5.49
C THR A 210 0.22 -11.85 -5.89
N ILE A 211 -0.20 -11.16 -6.94
CA ILE A 211 -1.60 -11.15 -7.31
C ILE A 211 -2.07 -12.55 -7.72
N VAL A 212 -1.31 -13.23 -8.57
CA VAL A 212 -1.80 -14.50 -9.13
C VAL A 212 -1.83 -15.60 -8.09
N GLY A 213 -0.90 -15.55 -7.11
CA GLY A 213 -0.91 -16.54 -6.06
C GLY A 213 -2.18 -16.46 -5.22
N TRP A 214 -2.65 -15.25 -4.95
CA TRP A 214 -3.92 -15.09 -4.27
C TRP A 214 -5.10 -15.41 -5.21
N VAL A 215 -4.97 -15.07 -6.49
CA VAL A 215 -6.08 -15.29 -7.41
C VAL A 215 -6.25 -16.77 -7.71
N ILE A 216 -5.14 -17.48 -7.95
CA ILE A 216 -5.25 -18.91 -8.22
C ILE A 216 -5.78 -19.65 -7.00
N TRP A 217 -5.56 -19.11 -5.80
CA TRP A 217 -6.16 -19.69 -4.59
C TRP A 217 -7.67 -19.61 -4.66
N VAL A 218 -8.18 -18.47 -5.15
CA VAL A 218 -9.61 -18.32 -5.30
C VAL A 218 -10.13 -19.26 -6.38
N LYS A 219 -9.43 -19.35 -7.52
CA LYS A 219 -9.91 -20.19 -8.59
C LYS A 219 -9.93 -21.66 -8.18
N ARG A 220 -8.86 -22.13 -7.54
CA ARG A 220 -8.76 -23.55 -7.20
C ARG A 220 -9.74 -23.95 -6.09
N VAL A 221 -9.93 -23.09 -5.10
CA VAL A 221 -10.69 -23.46 -3.91
C VAL A 221 -12.18 -23.18 -4.08
N LEU A 222 -12.57 -22.06 -4.69
CA LEU A 222 -13.97 -21.93 -5.10
C LEU A 222 -14.29 -22.85 -6.28
N GLY A 223 -13.30 -23.14 -7.13
CA GLY A 223 -13.50 -24.05 -8.24
C GLY A 223 -13.60 -23.32 -9.56
N PRO A 224 -12.97 -23.87 -10.59
CA PRO A 224 -12.98 -23.20 -11.90
C PRO A 224 -14.35 -23.10 -12.54
N ASP A 225 -15.31 -23.93 -12.14
CA ASP A 225 -16.65 -23.89 -12.75
C ASP A 225 -17.69 -23.23 -11.88
N SER A 226 -17.35 -22.89 -10.64
CA SER A 226 -18.29 -22.23 -9.76
C SER A 226 -18.76 -20.94 -10.41
N ALA A 227 -20.02 -20.60 -10.14
CA ALA A 227 -20.57 -19.34 -10.63
C ALA A 227 -19.70 -18.18 -10.18
N GLU A 228 -19.29 -18.20 -8.91
CA GLU A 228 -18.52 -17.08 -8.36
C GLU A 228 -17.21 -16.88 -9.12
N TRP A 229 -16.49 -17.98 -9.43
CA TRP A 229 -15.23 -17.81 -10.17
C TRP A 229 -15.47 -17.34 -11.59
N LYS A 230 -16.47 -17.92 -12.28
CA LYS A 230 -16.73 -17.48 -13.64
C LYS A 230 -17.18 -16.03 -13.69
N ASP A 231 -17.81 -15.53 -12.62
CA ASP A 231 -18.07 -14.11 -12.53
C ASP A 231 -16.78 -13.32 -12.32
N PHE A 232 -15.86 -13.86 -11.52
CA PHE A 232 -14.59 -13.17 -11.26
C PHE A 232 -13.82 -12.95 -12.56
N GLU A 233 -13.90 -13.89 -13.50
CA GLU A 233 -13.19 -13.74 -14.76
C GLU A 233 -13.66 -12.52 -15.55
N THR A 234 -14.87 -12.03 -15.30
CA THR A 234 -15.39 -10.87 -16.03
C THR A 234 -15.05 -9.54 -15.38
N TRP A 235 -14.52 -9.52 -14.15
CA TRP A 235 -14.19 -8.26 -13.51
C TRP A 235 -13.11 -7.48 -14.28
N ASP A 236 -13.27 -6.17 -14.32
CA ASP A 236 -12.26 -5.26 -14.87
C ASP A 236 -11.84 -5.72 -16.28
N ASP A 237 -12.85 -6.00 -17.11
CA ASP A 237 -12.63 -6.48 -18.48
C ASP A 237 -11.64 -7.63 -18.54
N GLY A 238 -11.70 -8.51 -17.55
CA GLY A 238 -10.94 -9.74 -17.57
C GLY A 238 -9.49 -9.61 -17.17
N LYS A 239 -9.10 -8.52 -16.51
CA LYS A 239 -7.68 -8.29 -16.24
C LYS A 239 -7.08 -9.41 -15.38
N TRP A 240 -7.86 -9.94 -14.43
CA TRP A 240 -7.34 -10.95 -13.52
C TRP A 240 -7.31 -12.33 -14.16
N ALA A 241 -8.32 -12.65 -14.97
CA ALA A 241 -8.26 -13.83 -15.82
C ALA A 241 -7.06 -13.74 -16.76
N LYS A 242 -6.85 -12.59 -17.39
CA LYS A 242 -5.74 -12.43 -18.31
C LYS A 242 -4.40 -12.54 -17.59
N GLN A 243 -4.32 -12.09 -16.33
CA GLN A 243 -3.08 -12.28 -15.58
C GLN A 243 -2.81 -13.74 -15.28
N LEU A 244 -3.86 -14.49 -14.93
CA LEU A 244 -3.69 -15.94 -14.75
C LEU A 244 -3.15 -16.57 -16.02
N ALA A 245 -3.79 -16.28 -17.16
CA ALA A 245 -3.31 -16.78 -18.44
C ALA A 245 -1.82 -16.52 -18.63
N LEU A 246 -1.36 -15.30 -18.31
CA LEU A 246 0.07 -14.96 -18.49
C LEU A 246 0.98 -15.91 -17.72
N PHE A 247 0.50 -16.42 -16.59
CA PHE A 247 1.30 -17.23 -15.69
C PHE A 247 0.95 -18.70 -15.76
N GLU A 248 0.15 -19.12 -16.73
CA GLU A 248 -0.22 -20.53 -16.78
C GLU A 248 0.99 -21.44 -16.94
N LYS A 249 2.02 -20.98 -17.67
CA LYS A 249 3.26 -21.76 -17.81
C LYS A 249 3.74 -22.26 -16.47
N TYR A 250 3.77 -21.36 -15.49
CA TYR A 250 4.38 -21.59 -14.20
C TYR A 250 3.36 -22.03 -13.16
N GLU A 251 2.12 -22.28 -13.57
CA GLU A 251 1.09 -22.80 -12.68
C GLU A 251 1.17 -24.34 -12.66
N VAL A 252 2.28 -24.83 -12.11
CA VAL A 252 2.66 -26.23 -12.22
C VAL A 252 3.15 -26.74 -10.88
N VAL A 253 2.61 -27.88 -10.45
CA VAL A 253 3.23 -28.61 -9.36
C VAL A 253 4.04 -29.73 -10.00
N PRO A 254 5.36 -29.55 -10.16
CA PRO A 254 6.15 -30.55 -10.90
C PRO A 254 6.05 -31.92 -10.27
N ASP A 255 5.96 -32.95 -11.12
CA ASP A 255 5.66 -34.29 -10.63
C ASP A 255 6.71 -34.75 -9.62
N ALA A 256 7.99 -34.54 -9.94
CA ALA A 256 9.14 -34.82 -9.05
C ALA A 256 8.97 -36.04 -8.14
N ASN B 3 3.29 34.55 -17.09
CA ASN B 3 2.98 33.36 -17.87
C ASN B 3 3.64 32.07 -17.30
N VAL B 4 4.02 32.09 -16.03
CA VAL B 4 4.53 30.89 -15.37
C VAL B 4 3.35 30.05 -14.89
N ILE B 5 3.66 28.81 -14.46
CA ILE B 5 2.63 27.93 -13.92
C ILE B 5 2.02 28.55 -12.67
N GLN B 6 0.71 28.42 -12.54
CA GLN B 6 -0.02 28.94 -11.39
C GLN B 6 -0.38 27.79 -10.46
N PHE B 7 -0.10 27.98 -9.17
CA PHE B 7 -0.15 26.95 -8.15
C PHE B 7 -1.09 27.43 -7.06
N TYR B 8 -2.13 26.62 -6.76
CA TYR B 8 -3.21 27.02 -5.85
C TYR B 8 -3.00 26.39 -4.47
N ASP B 9 -3.00 27.24 -3.44
CA ASP B 9 -2.64 26.84 -2.09
C ASP B 9 -3.61 27.49 -1.12
N ILE B 10 -3.73 26.89 0.06
CA ILE B 10 -4.61 27.35 1.14
C ILE B 10 -3.75 28.02 2.19
N PRO B 11 -3.94 29.30 2.50
CA PRO B 11 -3.10 29.96 3.49
C PRO B 11 -3.44 29.52 4.90
N GLY B 12 -2.40 29.45 5.74
CA GLY B 12 -2.59 29.19 7.15
C GLY B 12 -1.70 30.11 7.97
N ASN B 13 -1.94 30.12 9.28
CA ASN B 13 -1.18 30.99 10.17
C ASN B 13 -0.08 30.25 10.92
N ALA B 14 0.15 28.97 10.61
CA ALA B 14 1.19 28.22 11.31
C ALA B 14 2.55 28.85 11.09
N THR B 15 2.81 29.31 9.87
CA THR B 15 4.10 29.88 9.51
C THR B 15 3.89 31.23 8.87
N PRO B 16 4.85 32.13 9.00
CA PRO B 16 4.77 33.40 8.25
C PRO B 16 4.56 33.21 6.75
N ASP B 17 5.16 32.21 6.12
CA ASP B 17 4.99 32.07 4.67
C ASP B 17 3.65 31.45 4.27
N LYS B 18 2.81 31.06 5.23
CA LYS B 18 1.41 30.67 5.06
C LYS B 18 1.20 29.26 4.50
N ALA B 19 2.26 28.51 4.18
CA ALA B 19 2.14 27.21 3.54
C ALA B 19 2.20 26.10 4.59
N TRP B 20 1.13 25.31 4.67
CA TRP B 20 1.00 24.28 5.69
C TRP B 20 0.43 22.95 5.16
N SER B 21 -0.31 22.95 4.06
CA SER B 21 -1.13 21.79 3.73
C SER B 21 -0.27 20.58 3.35
N PRO B 22 -0.62 19.38 3.81
CA PRO B 22 0.18 18.21 3.41
C PRO B 22 0.10 17.94 1.92
N ASN B 23 -1.09 18.07 1.33
CA ASN B 23 -1.23 17.74 -0.08
C ASN B 23 -0.60 18.80 -0.98
N THR B 24 -0.74 20.09 -0.63
CA THR B 24 -0.08 21.11 -1.45
C THR B 24 1.43 21.09 -1.27
N TRP B 25 1.92 20.68 -0.09
CA TRP B 25 3.36 20.58 0.05
C TRP B 25 3.94 19.50 -0.83
N LYS B 26 3.19 18.42 -1.08
CA LYS B 26 3.68 17.41 -2.01
C LYS B 26 3.95 18.02 -3.37
N THR B 27 3.04 18.86 -3.86
CA THR B 27 3.21 19.51 -5.17
C THR B 27 4.25 20.62 -5.10
N ARG B 28 4.22 21.43 -4.03
CA ARG B 28 5.23 22.48 -3.89
C ARG B 28 6.63 21.89 -3.85
N TYR B 29 6.84 20.79 -3.10
CA TYR B 29 8.11 20.08 -3.17
C TYR B 29 8.40 19.63 -4.60
N THR B 30 7.39 19.12 -5.28
CA THR B 30 7.56 18.64 -6.65
C THR B 30 8.02 19.76 -7.57
N LEU B 31 7.36 20.92 -7.49
CA LEU B 31 7.74 22.04 -8.35
C LEU B 31 9.14 22.53 -7.99
N ASN B 32 9.46 22.57 -6.70
CA ASN B 32 10.77 23.04 -6.28
C ASN B 32 11.86 22.06 -6.69
N PHE B 33 11.64 20.77 -6.51
CA PHE B 33 12.65 19.77 -6.84
C PHE B 33 12.91 19.73 -8.33
N LYS B 34 11.87 19.89 -9.14
CA LYS B 34 12.03 19.95 -10.56
C LYS B 34 12.58 21.31 -11.02
N GLY B 35 12.70 22.27 -10.11
CA GLY B 35 13.15 23.60 -10.49
C GLY B 35 12.23 24.36 -11.41
N ILE B 36 10.96 23.96 -11.50
CA ILE B 36 9.99 24.64 -12.39
C ILE B 36 9.45 25.88 -11.70
N PRO B 37 9.40 27.02 -12.38
CA PRO B 37 8.90 28.24 -11.73
C PRO B 37 7.39 28.27 -11.68
N TYR B 38 6.87 28.91 -10.62
CA TYR B 38 5.43 28.96 -10.41
C TYR B 38 5.06 30.18 -9.55
N LYS B 39 3.81 30.60 -9.69
CA LYS B 39 3.23 31.65 -8.87
C LYS B 39 2.21 31.04 -7.91
N THR B 40 2.17 31.50 -6.66
CA THR B 40 1.24 30.94 -5.69
C THR B 40 -0.02 31.81 -5.61
N ILE B 41 -1.18 31.15 -5.70
CA ILE B 41 -2.48 31.77 -5.58
C ILE B 41 -3.16 31.17 -4.36
N TRP B 42 -3.51 32.02 -3.38
CA TRP B 42 -3.99 31.60 -2.06
C TRP B 42 -5.51 31.57 -2.02
N VAL B 43 -6.08 30.44 -1.65
CA VAL B 43 -7.52 30.21 -1.72
C VAL B 43 -8.03 29.67 -0.39
N GLU B 44 -8.98 30.37 0.23
CA GLU B 44 -9.65 29.87 1.42
C GLU B 44 -10.41 28.59 1.07
N TYR B 45 -10.51 27.68 2.06
CA TYR B 45 -11.22 26.41 1.93
C TYR B 45 -12.58 26.58 1.25
N PRO B 46 -13.48 27.42 1.79
CA PRO B 46 -14.80 27.52 1.17
C PRO B 46 -14.78 28.09 -0.24
N ASP B 47 -13.66 28.64 -0.72
CA ASP B 47 -13.59 29.22 -2.05
C ASP B 47 -12.92 28.27 -3.05
N ILE B 48 -12.63 27.04 -2.62
CA ILE B 48 -11.85 26.14 -3.46
C ILE B 48 -12.67 25.68 -4.67
N ALA B 49 -13.91 25.26 -4.43
CA ALA B 49 -14.76 24.75 -5.50
C ALA B 49 -15.08 25.83 -6.54
N SER B 50 -15.41 27.04 -6.09
CA SER B 50 -15.74 28.08 -7.06
C SER B 50 -14.51 28.50 -7.86
N VAL B 51 -13.30 28.38 -7.30
CA VAL B 51 -12.08 28.71 -8.06
C VAL B 51 -11.80 27.63 -9.09
N CYS B 52 -11.85 26.36 -8.67
CA CYS B 52 -11.67 25.24 -9.61
C CYS B 52 -12.62 25.34 -10.79
N LYS B 53 -13.92 25.55 -10.52
CA LYS B 53 -14.90 25.72 -11.59
C LYS B 53 -14.50 26.87 -12.52
N GLU B 54 -13.89 27.90 -11.97
CA GLU B 54 -13.55 29.11 -12.69
C GLU B 54 -12.24 28.98 -13.47
N ILE B 55 -11.37 28.05 -13.07
CA ILE B 55 -10.15 27.74 -13.82
C ILE B 55 -10.23 26.41 -14.57
N GLY B 56 -11.37 25.72 -14.48
CA GLY B 56 -11.53 24.45 -15.16
C GLY B 56 -10.81 23.27 -14.52
N ALA B 57 -10.68 23.24 -13.20
CA ALA B 57 -10.03 22.12 -12.51
C ALA B 57 -11.03 21.00 -12.25
N GLU B 58 -10.66 19.80 -12.67
CA GLU B 58 -11.43 18.61 -12.34
C GLU B 58 -11.49 18.39 -10.83
N PRO B 59 -12.64 17.97 -10.28
CA PRO B 59 -12.65 17.48 -8.90
C PRO B 59 -11.85 16.19 -8.77
N THR B 60 -11.24 16.01 -7.60
CA THR B 60 -10.37 14.87 -7.36
C THR B 60 -11.11 13.61 -6.91
N SER B 61 -12.40 13.72 -6.58
CA SER B 61 -13.23 12.53 -6.37
C SER B 61 -14.69 12.93 -6.48
N ILE B 62 -15.53 11.94 -6.76
CA ILE B 62 -16.98 12.11 -6.86
C ILE B 62 -17.62 11.25 -5.77
N ARG B 63 -18.36 11.89 -4.88
CA ARG B 63 -18.85 11.19 -3.70
C ARG B 63 -20.39 11.16 -3.75
N PRO B 64 -21.09 10.57 -2.73
CA PRO B 64 -22.56 10.57 -2.74
C PRO B 64 -23.17 11.92 -3.15
N ASP B 65 -22.82 12.97 -2.43
CA ASP B 65 -23.44 14.28 -2.54
C ASP B 65 -22.87 15.14 -3.67
N GLY B 66 -22.00 14.57 -4.52
CA GLY B 66 -21.58 15.26 -5.72
C GLY B 66 -20.07 15.31 -5.92
N PRO B 67 -19.62 16.28 -6.71
CA PRO B 67 -18.18 16.41 -6.96
C PRO B 67 -17.50 17.12 -5.80
N TYR B 68 -16.24 16.77 -5.59
CA TYR B 68 -15.51 17.24 -4.43
C TYR B 68 -14.18 17.82 -4.90
N TYR B 69 -13.99 19.12 -4.71
CA TYR B 69 -12.86 19.84 -5.27
C TYR B 69 -11.79 20.06 -4.23
N THR B 70 -10.54 19.80 -4.60
CA THR B 70 -9.41 19.92 -3.69
C THR B 70 -8.26 20.70 -4.33
N LEU B 71 -7.43 21.28 -3.45
CA LEU B 71 -6.10 21.77 -3.82
C LEU B 71 -5.14 20.70 -3.31
N PRO B 72 -3.97 20.54 -3.95
CA PRO B 72 -3.32 21.30 -5.02
C PRO B 72 -3.95 21.26 -6.40
N VAL B 73 -3.98 22.42 -7.04
CA VAL B 73 -4.26 22.55 -8.47
C VAL B 73 -3.10 23.36 -9.07
N ILE B 74 -2.67 22.99 -10.27
CA ILE B 74 -1.86 23.89 -11.07
C ILE B 74 -2.59 24.19 -12.37
N HIS B 75 -2.36 25.39 -12.90
CA HIS B 75 -2.74 25.69 -14.27
C HIS B 75 -1.51 26.08 -15.06
N ASP B 76 -1.26 25.39 -16.18
CA ASP B 76 -0.07 25.62 -16.97
C ASP B 76 -0.40 26.47 -18.18
N PRO B 77 -0.09 27.76 -18.17
CA PRO B 77 -0.40 28.61 -19.33
C PRO B 77 0.42 28.24 -20.57
N SER B 78 1.64 27.76 -20.39
CA SER B 78 2.41 27.24 -21.51
C SER B 78 1.67 26.13 -22.27
N THR B 79 0.67 25.50 -21.65
CA THR B 79 -0.02 24.36 -22.26
C THR B 79 -1.52 24.53 -22.35
N GLY B 80 -2.12 25.41 -21.53
CA GLY B 80 -3.55 25.49 -21.41
C GLY B 80 -4.17 24.58 -20.39
N LYS B 81 -3.42 23.58 -19.90
CA LYS B 81 -4.00 22.51 -19.10
C LYS B 81 -4.16 22.93 -17.64
N THR B 82 -5.27 22.49 -17.04
CA THR B 82 -5.47 22.56 -15.59
C THR B 82 -5.49 21.15 -15.03
N ILE B 83 -4.68 20.90 -14.00
CA ILE B 83 -4.49 19.57 -13.44
C ILE B 83 -4.67 19.65 -11.93
N SER B 84 -5.48 18.74 -11.39
CA SER B 84 -5.72 18.70 -9.96
C SER B 84 -5.24 17.34 -9.44
N ASP B 85 -4.96 17.31 -8.14
CA ASP B 85 -4.41 16.17 -7.41
C ASP B 85 -2.90 16.06 -7.56
N SER B 86 -2.18 16.03 -6.42
CA SER B 86 -0.73 16.08 -6.43
C SER B 86 -0.10 14.93 -7.23
N ALA B 87 -0.65 13.72 -7.15
CA ALA B 87 -0.09 12.63 -7.94
C ALA B 87 -0.29 12.87 -9.43
N ALA B 88 -1.46 13.40 -9.81
CA ALA B 88 -1.69 13.70 -11.22
C ALA B 88 -0.80 14.86 -11.66
N ILE B 89 -0.60 15.84 -10.78
CA ILE B 89 0.29 16.95 -11.08
C ILE B 89 1.73 16.46 -11.28
N ALA B 90 2.16 15.48 -10.49
CA ALA B 90 3.51 14.97 -10.67
C ALA B 90 3.66 14.29 -12.02
N ARG B 91 2.66 13.51 -12.43
CA ARG B 91 2.76 12.84 -13.73
C ARG B 91 2.73 13.86 -14.86
N TYR B 92 1.91 14.90 -14.72
CA TYR B 92 1.85 15.96 -15.72
C TYR B 92 3.21 16.65 -15.86
N LEU B 93 3.83 17.01 -14.73
CA LEU B 93 5.11 17.71 -14.78
C LEU B 93 6.23 16.81 -15.34
N ASP B 94 6.29 15.54 -14.91
CA ASP B 94 7.22 14.58 -15.52
C ASP B 94 7.09 14.59 -17.04
N LYS B 95 5.87 14.66 -17.55
CA LYS B 95 5.61 14.44 -18.96
C LYS B 95 5.83 15.71 -19.76
N THR B 96 5.41 16.85 -19.22
CA THR B 96 5.42 18.10 -19.95
C THR B 96 6.78 18.81 -19.87
N TYR B 97 7.57 18.52 -18.84
CA TYR B 97 8.88 19.11 -18.67
C TYR B 97 9.92 18.00 -18.54
N PRO B 98 10.08 17.17 -19.57
CA PRO B 98 10.89 15.93 -19.42
C PRO B 98 12.34 16.16 -19.09
N ASP B 99 12.89 17.34 -19.35
CA ASP B 99 14.28 17.62 -19.02
C ASP B 99 14.48 18.04 -17.57
N THR B 100 13.39 18.13 -16.79
CA THR B 100 13.49 18.22 -15.32
C THR B 100 13.78 16.83 -14.76
N PRO B 101 14.23 16.75 -13.51
CA PRO B 101 14.40 15.42 -12.88
C PRO B 101 13.05 14.70 -12.74
N VAL B 102 13.01 13.46 -13.24
CA VAL B 102 11.81 12.64 -13.16
C VAL B 102 11.54 12.22 -11.71
N VAL B 103 10.27 12.31 -11.31
CA VAL B 103 9.88 11.88 -9.97
C VAL B 103 9.10 10.56 -9.99
N ILE B 104 8.48 10.18 -11.11
CA ILE B 104 7.90 8.85 -11.20
C ILE B 104 8.43 8.15 -12.44
N PRO B 105 9.59 7.49 -12.37
CA PRO B 105 10.09 6.69 -13.52
C PRO B 105 9.03 5.69 -13.97
N PRO B 106 8.85 5.54 -15.29
CA PRO B 106 7.67 4.80 -15.80
C PRO B 106 7.52 3.39 -15.26
N GLU B 107 8.62 2.67 -15.08
CA GLU B 107 8.54 1.30 -14.56
C GLU B 107 8.03 1.26 -13.14
N THR B 108 8.15 2.35 -12.38
CA THR B 108 7.67 2.41 -11.01
C THR B 108 6.33 3.11 -10.88
N ASP B 109 5.62 3.33 -12.00
CA ASP B 109 4.41 4.14 -11.94
C ASP B 109 3.30 3.42 -11.20
N ALA B 110 3.01 2.17 -11.60
CA ALA B 110 1.98 1.39 -10.92
C ALA B 110 2.32 1.21 -9.44
N LEU B 111 3.57 0.83 -9.14
CA LEU B 111 4.01 0.70 -7.75
C LEU B 111 3.88 2.01 -6.99
N HIS B 112 4.08 3.16 -7.65
CA HIS B 112 3.81 4.43 -6.97
C HIS B 112 2.33 4.57 -6.62
N ALA B 113 1.45 4.06 -7.48
CA ALA B 113 0.02 4.17 -7.18
C ALA B 113 -0.36 3.21 -6.05
N ALA B 114 0.22 2.00 -6.04
CA ALA B 114 0.09 1.13 -4.87
C ALA B 114 0.66 1.80 -3.62
N PHE B 115 1.75 2.56 -3.77
CA PHE B 115 2.37 3.15 -2.60
C PHE B 115 1.47 4.22 -2.00
N ASN B 116 0.78 4.98 -2.85
CA ASN B 116 -0.07 6.04 -2.32
C ASN B 116 -1.21 5.45 -1.46
N PHE B 117 -1.79 4.34 -1.90
CA PHE B 117 -2.80 3.69 -1.08
C PHE B 117 -2.22 3.22 0.26
N ALA B 118 -1.16 2.39 0.22
CA ALA B 118 -0.52 1.91 1.44
C ALA B 118 -0.16 3.05 2.36
N PHE B 119 0.25 4.19 1.79
CA PHE B 119 0.62 5.35 2.59
C PHE B 119 -0.62 5.99 3.25
N SER B 120 -1.74 6.07 2.52
CA SER B 120 -2.98 6.61 3.09
C SER B 120 -3.46 5.79 4.27
N GLU B 121 -3.50 4.47 4.10
CA GLU B 121 -3.90 3.59 5.19
C GLU B 121 -2.95 3.75 6.38
N ALA B 122 -1.65 3.53 6.16
CA ALA B 122 -0.73 3.49 7.28
C ALA B 122 -0.53 4.86 7.91
N ILE B 123 -0.66 5.96 7.17
CA ILE B 123 -0.22 7.25 7.70
C ILE B 123 -1.35 8.28 7.82
N VAL B 124 -1.99 8.60 6.70
CA VAL B 124 -2.98 9.68 6.68
C VAL B 124 -4.10 9.39 7.68
N ARG B 125 -4.58 8.15 7.69
CA ARG B 125 -5.68 7.83 8.59
C ARG B 125 -5.26 7.97 10.05
N ALA B 126 -4.02 7.58 10.38
CA ALA B 126 -3.55 7.69 11.76
C ALA B 126 -3.25 9.14 12.14
N LEU B 127 -2.76 9.97 11.21
CA LEU B 127 -2.45 11.35 11.56
C LEU B 127 -3.69 12.13 11.93
N ALA B 128 -4.82 11.79 11.32
CA ALA B 128 -6.00 12.66 11.35
C ALA B 128 -6.45 13.07 12.75
N PRO B 129 -6.63 12.18 13.73
CA PRO B 129 -7.24 12.61 15.00
C PRO B 129 -6.43 13.68 15.74
N ILE B 130 -5.14 13.76 15.50
CA ILE B 130 -4.32 14.80 16.09
C ILE B 130 -4.15 16.00 15.15
N MET B 131 -3.90 15.73 13.88
CA MET B 131 -3.47 16.81 13.00
C MET B 131 -4.63 17.70 12.51
N LEU B 132 -5.80 17.14 12.21
CA LEU B 132 -6.92 17.95 11.74
C LEU B 132 -7.38 18.98 12.77
N PRO B 133 -7.57 18.66 14.06
CA PRO B 133 -7.91 19.73 15.01
C PRO B 133 -6.82 20.75 15.13
N ALA B 134 -5.55 20.32 15.02
CA ALA B 134 -4.42 21.25 15.01
C ALA B 134 -4.46 22.16 13.78
N THR B 135 -4.63 21.61 12.56
CA THR B 135 -4.63 22.52 11.42
C THR B 135 -5.84 23.44 11.45
N ASN B 136 -6.95 22.99 12.05
CA ASN B 136 -8.12 23.85 12.19
C ASN B 136 -7.80 25.10 13.00
N ALA B 137 -6.99 24.95 14.06
CA ALA B 137 -6.71 26.05 14.96
C ALA B 137 -5.80 27.10 14.35
N GLN B 138 -5.24 26.87 13.16
CA GLN B 138 -4.40 27.88 12.53
C GLN B 138 -4.98 28.38 11.21
N LEU B 139 -6.24 28.07 10.91
CA LEU B 139 -6.86 28.54 9.69
C LEU B 139 -7.46 29.93 9.87
N ASN B 140 -7.53 30.69 8.77
CA ASN B 140 -8.24 31.95 8.80
C ASN B 140 -9.72 31.69 9.09
N PRO B 141 -10.41 32.64 9.75
CA PRO B 141 -11.80 32.39 10.18
C PRO B 141 -12.73 31.75 9.17
N ARG B 142 -12.69 32.15 7.89
CA ARG B 142 -13.63 31.56 6.95
C ARG B 142 -13.26 30.13 6.60
N SER B 143 -11.98 29.77 6.72
CA SER B 143 -11.62 28.38 6.50
C SER B 143 -11.92 27.54 7.73
N GLU B 144 -11.74 28.12 8.92
CA GLU B 144 -12.10 27.40 10.13
C GLU B 144 -13.56 26.98 10.12
N GLU B 145 -14.46 27.92 9.77
CA GLU B 145 -15.89 27.60 9.75
C GLU B 145 -16.15 26.40 8.86
N PHE B 146 -15.65 26.46 7.62
CA PHE B 146 -15.83 25.38 6.66
C PHE B 146 -15.15 24.10 7.15
N PHE B 147 -13.92 24.20 7.66
CA PHE B 147 -13.14 23.02 8.06
C PHE B 147 -13.76 22.34 9.28
N ARG B 148 -14.04 23.11 10.33
CA ARG B 148 -14.66 22.52 11.50
C ARG B 148 -15.97 21.85 11.14
N ARG B 149 -16.82 22.58 10.39
CA ARG B 149 -18.14 22.05 10.05
C ARG B 149 -18.03 20.74 9.29
N THR B 150 -17.12 20.67 8.32
CA THR B 150 -17.11 19.48 7.49
C THR B 150 -16.39 18.32 8.16
N ARG B 151 -15.29 18.59 8.87
CA ARG B 151 -14.55 17.50 9.52
C ARG B 151 -15.34 16.94 10.70
N GLU B 152 -15.94 17.82 11.52
CA GLU B 152 -16.81 17.34 12.61
C GLU B 152 -17.99 16.54 12.07
N GLU B 153 -18.55 16.95 10.94
CA GLU B 153 -19.66 16.20 10.35
C GLU B 153 -19.19 14.84 9.85
N SER B 154 -18.01 14.78 9.23
CA SER B 154 -17.49 13.52 8.70
C SER B 154 -17.06 12.57 9.80
N ALA B 155 -16.84 13.07 11.02
CA ALA B 155 -16.55 12.24 12.18
C ALA B 155 -17.80 11.86 12.97
N GLY B 156 -19.00 12.07 12.43
CA GLY B 156 -20.24 11.74 13.11
C GLY B 156 -20.79 12.83 14.01
N GLY B 157 -20.17 14.02 14.04
CA GLY B 157 -20.53 15.05 14.98
C GLY B 157 -19.60 15.19 16.17
N VAL B 158 -18.55 14.38 16.26
CA VAL B 158 -17.62 14.49 17.36
C VAL B 158 -16.86 15.81 17.24
N LYS B 159 -17.01 16.67 18.22
CA LYS B 159 -16.30 17.94 18.20
C LYS B 159 -14.79 17.71 18.18
N LEU B 160 -14.07 18.62 17.49
CA LEU B 160 -12.62 18.45 17.34
C LEU B 160 -11.93 18.36 18.70
N GLU B 161 -12.38 19.17 19.67
CA GLU B 161 -11.79 19.17 21.00
C GLU B 161 -11.88 17.82 21.69
N ASP B 162 -12.76 16.94 21.24
CA ASP B 162 -12.91 15.62 21.82
C ASP B 162 -12.17 14.54 21.05
N TRP B 163 -11.61 14.88 19.88
CA TRP B 163 -10.90 13.88 19.08
C TRP B 163 -9.71 13.29 19.84
N ALA B 164 -8.96 14.12 20.53
CA ALA B 164 -7.76 13.64 21.20
C ALA B 164 -7.17 14.71 22.11
N PRO B 165 -7.82 15.00 23.24
CA PRO B 165 -7.39 16.15 24.05
C PRO B 165 -6.00 15.93 24.59
N PRO B 166 -5.26 17.00 24.87
CA PRO B 166 -3.90 16.84 25.39
C PRO B 166 -3.91 16.05 26.69
N GLY B 167 -2.90 15.20 26.84
CA GLY B 167 -2.79 14.39 28.03
C GLY B 167 -3.77 13.26 28.15
N SER B 168 -4.74 13.14 27.25
CA SER B 168 -5.70 12.04 27.34
C SER B 168 -5.07 10.74 26.86
N GLU B 169 -5.84 9.66 27.02
CA GLU B 169 -5.39 8.38 26.48
C GLU B 169 -5.79 8.23 25.03
N LYS B 170 -6.87 8.88 24.61
CA LYS B 170 -7.18 8.98 23.19
C LYS B 170 -5.98 9.50 22.42
N ARG B 171 -5.49 10.70 22.81
CA ARG B 171 -4.32 11.25 22.16
C ARG B 171 -3.13 10.29 22.23
N ALA B 172 -2.94 9.65 23.38
CA ALA B 172 -1.75 8.82 23.55
C ALA B 172 -1.78 7.59 22.64
N LYS B 173 -2.97 7.00 22.41
CA LYS B 173 -3.12 5.86 21.48
C LYS B 173 -3.15 6.30 20.02
N ALA B 174 -3.60 7.52 19.75
CA ALA B 174 -3.42 8.07 18.41
C ALA B 174 -1.95 8.11 18.06
N TRP B 175 -1.12 8.61 18.98
CA TRP B 175 0.31 8.65 18.73
C TRP B 175 0.88 7.26 18.48
N GLU B 176 0.44 6.27 19.26
CA GLU B 176 1.01 4.92 19.09
C GLU B 176 0.72 4.39 17.69
N LYS B 177 -0.50 4.62 17.18
CA LYS B 177 -0.79 4.16 15.83
C LYS B 177 -0.07 5.00 14.78
N ILE B 178 0.17 6.27 15.05
CA ILE B 178 1.01 7.06 14.16
C ILE B 178 2.42 6.48 14.12
N ARG B 179 3.01 6.28 15.30
CA ARG B 179 4.35 5.71 15.41
C ARG B 179 4.44 4.36 14.70
N ALA B 180 3.44 3.49 14.89
CA ALA B 180 3.47 2.21 14.20
C ALA B 180 3.44 2.41 12.68
N GLY B 181 2.60 3.33 12.20
CA GLY B 181 2.56 3.61 10.77
C GLY B 181 3.93 3.95 10.18
N PHE B 182 4.62 4.93 10.78
CA PHE B 182 5.96 5.27 10.30
C PHE B 182 6.96 4.12 10.53
N GLY B 183 6.75 3.31 11.56
CA GLY B 183 7.56 2.10 11.70
C GLY B 183 7.42 1.19 10.50
N GLN B 184 6.24 1.14 9.88
CA GLN B 184 6.07 0.30 8.70
C GLN B 184 6.82 0.85 7.50
N ILE B 185 6.85 2.18 7.35
CA ILE B 185 7.60 2.76 6.25
C ILE B 185 9.09 2.53 6.47
N ALA B 186 9.52 2.55 7.73
CA ALA B 186 10.91 2.21 8.04
C ALA B 186 11.25 0.79 7.58
N LYS B 187 10.34 -0.17 7.78
CA LYS B 187 10.62 -1.53 7.33
C LYS B 187 10.64 -1.61 5.81
N TRP B 188 9.75 -0.89 5.13
CA TRP B 188 9.75 -0.92 3.67
C TRP B 188 11.08 -0.45 3.12
N LEU B 189 11.63 0.60 3.73
CA LEU B 189 12.88 1.23 3.31
C LEU B 189 14.11 0.43 3.69
N SER B 190 13.98 -0.67 4.45
CA SER B 190 15.10 -1.50 4.86
C SER B 190 14.79 -2.97 4.66
N ALA B 191 13.92 -3.27 3.70
CA ALA B 191 13.42 -4.62 3.55
C ALA B 191 14.42 -5.57 2.91
N ASP B 192 15.44 -5.06 2.24
CA ASP B 192 16.43 -5.92 1.60
C ASP B 192 17.75 -5.92 2.36
N GLY B 193 17.76 -5.38 3.59
CA GLY B 193 18.95 -5.19 4.37
C GLY B 193 19.59 -3.82 4.22
N ASN B 194 19.28 -3.10 3.15
CA ASN B 194 19.89 -1.79 2.86
C ASN B 194 18.94 -0.71 3.37
N ASP B 195 19.29 -0.11 4.51
CA ASP B 195 18.48 0.93 5.15
C ASP B 195 18.62 2.23 4.36
N LYS B 196 17.61 2.51 3.53
CA LYS B 196 17.57 3.67 2.66
C LYS B 196 16.83 4.84 3.29
N LEU B 197 17.14 6.03 2.81
CA LEU B 197 16.33 7.22 3.04
C LEU B 197 15.38 7.50 1.89
N LEU B 198 15.68 7.00 0.70
CA LEU B 198 14.90 7.24 -0.50
C LEU B 198 14.41 5.91 -1.06
N PHE B 199 13.22 5.94 -1.64
CA PHE B 199 12.57 4.69 -2.02
C PHE B 199 13.32 3.96 -3.13
N LEU B 200 13.89 4.71 -4.08
CA LEU B 200 14.66 4.11 -5.16
C LEU B 200 16.11 3.86 -4.80
N GLY B 201 16.58 4.36 -3.66
CA GLY B 201 17.96 4.16 -3.27
C GLY B 201 18.73 5.46 -3.20
N ASP B 202 19.14 5.95 -4.37
CA ASP B 202 19.96 7.14 -4.53
C ASP B 202 19.23 8.31 -5.17
N LYS B 203 18.26 8.06 -6.06
CA LYS B 203 17.51 9.12 -6.72
C LYS B 203 16.18 9.40 -6.01
N VAL B 204 15.85 10.68 -5.90
CA VAL B 204 14.56 11.10 -5.35
C VAL B 204 13.41 10.59 -6.22
N SER B 205 12.34 10.12 -5.56
CA SER B 205 11.13 9.74 -6.26
C SER B 205 9.94 10.48 -5.65
N TYR B 206 8.82 10.47 -6.39
CA TYR B 206 7.61 11.09 -5.84
C TYR B 206 7.20 10.43 -4.53
N ALA B 207 7.56 9.15 -4.34
CA ALA B 207 7.24 8.47 -3.08
C ALA B 207 7.90 9.15 -1.90
N ASP B 208 9.14 9.62 -2.07
CA ASP B 208 9.81 10.38 -1.02
C ASP B 208 9.16 11.75 -0.84
N ILE B 209 8.78 12.39 -1.94
CA ILE B 209 8.12 13.68 -1.87
C ILE B 209 6.80 13.54 -1.11
N THR B 210 6.13 12.39 -1.25
CA THR B 210 4.90 12.13 -0.50
C THR B 210 5.15 12.17 1.01
N ILE B 211 6.20 11.47 1.47
CA ILE B 211 6.51 11.43 2.90
C ILE B 211 6.78 12.83 3.44
N VAL B 212 7.75 13.55 2.84
CA VAL B 212 8.12 14.84 3.40
C VAL B 212 6.96 15.83 3.29
N GLY B 213 6.08 15.67 2.30
CA GLY B 213 4.89 16.51 2.24
C GLY B 213 4.02 16.36 3.48
N TRP B 214 3.72 15.11 3.86
CA TRP B 214 2.89 14.92 5.05
C TRP B 214 3.65 15.26 6.32
N VAL B 215 4.98 15.05 6.33
CA VAL B 215 5.74 15.22 7.56
C VAL B 215 5.97 16.69 7.85
N ILE B 216 6.28 17.50 6.84
CA ILE B 216 6.46 18.92 7.07
C ILE B 216 5.16 19.55 7.55
N TRP B 217 4.02 18.93 7.23
CA TRP B 217 2.73 19.37 7.74
C TRP B 217 2.67 19.25 9.25
N VAL B 218 3.12 18.09 9.76
CA VAL B 218 3.16 17.85 11.20
C VAL B 218 4.07 18.85 11.88
N LYS B 219 5.31 18.98 11.37
CA LYS B 219 6.27 19.89 11.97
C LYS B 219 5.74 21.31 12.00
N ARG B 220 5.21 21.78 10.87
CA ARG B 220 4.78 23.17 10.78
C ARG B 220 3.52 23.45 11.59
N VAL B 221 2.62 22.48 11.72
CA VAL B 221 1.37 22.76 12.43
C VAL B 221 1.51 22.46 13.92
N LEU B 222 2.05 21.31 14.29
CA LEU B 222 2.36 21.11 15.71
C LEU B 222 3.38 22.14 16.20
N GLY B 223 4.36 22.49 15.35
CA GLY B 223 5.35 23.51 15.67
C GLY B 223 6.72 22.90 15.86
N PRO B 224 7.75 23.53 15.28
CA PRO B 224 9.09 22.91 15.30
C PRO B 224 9.63 22.71 16.71
N ASP B 225 9.24 23.57 17.64
CA ASP B 225 9.70 23.48 19.03
C ASP B 225 8.68 22.80 19.94
N SER B 226 7.65 22.18 19.38
CA SER B 226 6.66 21.51 20.21
C SER B 226 7.24 20.21 20.76
N ALA B 227 6.78 19.84 21.95
CA ALA B 227 7.25 18.60 22.56
C ALA B 227 7.00 17.41 21.64
N GLU B 228 5.79 17.35 21.07
CA GLU B 228 5.40 16.22 20.22
C GLU B 228 6.25 16.15 18.96
N TRP B 229 6.60 17.30 18.39
CA TRP B 229 7.44 17.23 17.19
C TRP B 229 8.87 16.78 17.53
N LYS B 230 9.44 17.29 18.63
CA LYS B 230 10.81 16.90 18.95
C LYS B 230 10.90 15.43 19.30
N ASP B 231 9.86 14.89 19.93
CA ASP B 231 9.80 13.43 20.05
C ASP B 231 9.82 12.79 18.68
N PHE B 232 9.05 13.32 17.75
CA PHE B 232 8.94 12.72 16.43
C PHE B 232 10.30 12.66 15.74
N GLU B 233 11.14 13.67 15.98
CA GLU B 233 12.45 13.73 15.34
C GLU B 233 13.34 12.56 15.74
N THR B 234 13.05 11.92 16.87
CA THR B 234 13.85 10.82 17.37
C THR B 234 13.35 9.45 16.91
N TRP B 235 12.14 9.34 16.34
CA TRP B 235 11.64 8.04 15.92
C TRP B 235 12.53 7.41 14.85
N ASP B 236 12.64 6.09 14.91
CA ASP B 236 13.44 5.30 13.97
C ASP B 236 14.80 5.95 13.69
N ASP B 237 15.52 6.24 14.78
CA ASP B 237 16.88 6.81 14.73
C ASP B 237 16.92 8.07 13.89
N GLY B 238 15.85 8.86 14.00
CA GLY B 238 15.74 10.10 13.27
C GLY B 238 15.61 9.96 11.78
N LYS B 239 15.09 8.83 11.29
CA LYS B 239 14.96 8.68 9.84
C LYS B 239 14.14 9.82 9.24
N TRP B 240 13.02 10.16 9.89
CA TRP B 240 12.12 11.16 9.33
C TRP B 240 12.70 12.56 9.45
N ALA B 241 13.32 12.89 10.59
CA ALA B 241 14.10 14.14 10.67
C ALA B 241 15.11 14.22 9.54
N LYS B 242 15.83 13.12 9.27
CA LYS B 242 16.87 13.12 8.26
C LYS B 242 16.30 13.32 6.86
N GLN B 243 15.21 12.63 6.53
CA GLN B 243 14.54 12.83 5.25
C GLN B 243 14.15 14.28 5.05
N LEU B 244 13.60 14.91 6.08
CA LEU B 244 13.29 16.33 5.99
C LEU B 244 14.53 17.13 5.64
N ALA B 245 15.65 16.84 6.30
CA ALA B 245 16.89 17.57 6.06
C ALA B 245 17.29 17.48 4.60
N LEU B 246 17.27 16.27 4.03
CA LEU B 246 17.59 16.08 2.61
C LEU B 246 16.84 17.06 1.71
N PHE B 247 15.55 17.29 1.97
CA PHE B 247 14.70 18.10 1.10
C PHE B 247 14.64 19.58 1.52
N GLU B 248 15.39 19.97 2.56
CA GLU B 248 15.28 21.31 3.10
C GLU B 248 15.59 22.39 2.07
N LYS B 249 16.51 22.11 1.13
CA LYS B 249 16.78 23.08 0.08
C LYS B 249 15.54 23.34 -0.78
N TYR B 250 14.58 22.41 -0.78
CA TYR B 250 13.35 22.52 -1.56
C TYR B 250 12.15 22.93 -0.71
N GLU B 251 12.35 23.17 0.59
CA GLU B 251 11.27 23.56 1.49
C GLU B 251 11.13 25.09 1.46
N VAL B 252 10.64 25.58 0.32
CA VAL B 252 10.73 26.99 -0.01
C VAL B 252 9.41 27.52 -0.53
N VAL B 253 8.95 28.63 0.06
CA VAL B 253 7.77 29.37 -0.42
C VAL B 253 8.22 30.72 -0.98
N PRO B 254 8.51 30.80 -2.27
CA PRO B 254 8.91 32.08 -2.88
C PRO B 254 7.82 33.14 -2.84
N ASP B 255 8.03 34.20 -2.06
CA ASP B 255 7.15 35.36 -2.14
C ASP B 255 7.11 35.93 -3.55
N ALA B 256 8.16 35.68 -4.34
CA ALA B 256 8.24 36.07 -5.74
C ALA B 256 7.39 35.15 -6.63
N1 GSH C . 3.67 -13.30 5.30
CA1 GSH C . 3.68 -14.73 5.06
C1 GSH C . 4.14 -15.02 3.66
O11 GSH C . 4.85 -16.04 3.44
O12 GSH C . 3.83 -14.22 2.73
CB1 GSH C . 2.29 -15.31 5.34
CG1 GSH C . 2.33 -16.82 5.24
CD1 GSH C . 1.09 -17.48 5.81
OE1 GSH C . 0.31 -16.86 6.52
N2 GSH C . 0.94 -18.76 5.49
CA2 GSH C . -0.13 -19.59 6.02
C2 GSH C . 0.30 -20.40 7.22
O2 GSH C . 1.26 -21.16 7.14
CB2 GSH C . -0.64 -20.52 4.93
SG2 GSH C . -1.59 -19.64 3.66
N3 GSH C . -0.40 -20.26 8.35
CA3 GSH C . -0.09 -21.03 9.54
C3 GSH C . -1.19 -21.02 10.58
O31 GSH C . -2.26 -20.39 10.35
O32 GSH C . -1.00 -21.64 11.65
C1 EDO D . -5.17 -18.03 4.47
O1 EDO D . -5.28 -16.60 4.48
C2 EDO D . -4.22 -18.42 5.59
O2 EDO D . -3.86 -19.81 5.45
C1 EDO E . -4.09 -8.61 7.20
O1 EDO E . -3.78 -9.73 6.36
C2 EDO E . -3.30 -7.41 6.70
O2 EDO E . -1.94 -7.56 7.09
C1 EDO F . 8.02 -7.02 -0.85
O1 EDO F . 8.11 -7.19 0.56
C2 EDO F . 7.04 -7.98 -1.51
O2 EDO F . 5.96 -7.26 -2.15
C1 EDO G . 2.82 -21.44 14.51
O1 EDO G . 2.56 -20.47 15.55
C2 EDO G . 1.55 -21.69 13.67
O2 EDO G . 1.80 -22.63 12.60
C1 EDO H . -3.52 -13.77 6.10
O1 EDO H . -3.91 -12.48 6.60
C2 EDO H . -2.21 -13.69 5.31
O2 EDO H . -1.74 -15.03 5.11
C1 EDO I . -17.03 -13.57 10.52
O1 EDO I . -18.38 -13.08 10.58
C2 EDO I . -16.22 -12.69 9.57
O2 EDO I . -15.00 -12.37 10.25
C1 EDO J . -11.21 -13.08 10.81
O1 EDO J . -12.59 -12.90 11.15
C2 EDO J . -11.06 -12.75 9.32
O2 EDO J . -9.68 -12.82 8.92
C1 EDO K . -19.04 -19.19 4.59
O1 EDO K . -19.92 -18.79 5.65
C2 EDO K . -19.75 -20.14 3.63
O2 EDO K . -19.86 -21.45 4.20
C1 EDO L . -6.65 -25.88 -11.20
O1 EDO L . -8.04 -25.91 -10.85
C2 EDO L . -6.21 -24.46 -11.53
O2 EDO L . -7.20 -23.73 -12.28
C1 EDO M . 5.45 -14.33 -17.99
O1 EDO M . 6.39 -14.95 -18.89
C2 EDO M . 4.24 -13.75 -18.73
O2 EDO M . 4.71 -13.02 -19.87
N1 GSH N . -5.73 13.30 -3.31
CA1 GSH N . -5.58 14.73 -3.21
C1 GSH N . -4.16 15.14 -3.56
O11 GSH N . -3.19 14.39 -3.25
O12 GSH N . -4.00 16.25 -4.15
CB1 GSH N . -6.00 15.19 -1.81
CG1 GSH N . -6.30 16.68 -1.83
CD1 GSH N . -6.92 17.22 -0.54
OE1 GSH N . -7.52 16.49 0.24
N2 GSH N . -6.77 18.53 -0.36
CA2 GSH N . -7.35 19.32 0.72
C2 GSH N . -8.48 20.17 0.21
O2 GSH N . -8.35 20.93 -0.76
CB2 GSH N . -6.30 20.21 1.39
SG2 GSH N . -5.10 19.25 2.36
N3 GSH N . -9.61 20.05 0.87
CA3 GSH N . -10.89 20.27 0.25
C3 GSH N . -11.98 20.29 1.27
O31 GSH N . -13.00 21.00 1.05
O32 GSH N . -11.84 19.60 2.31
C1 EDO O . -6.20 18.68 5.71
O1 EDO O . -6.97 19.00 4.54
C2 EDO O . -5.42 17.38 5.53
O2 EDO O . -6.27 16.24 5.81
C1 EDO P . 1.38 8.38 -6.03
O1 EDO P . 2.56 7.88 -5.39
C2 EDO P . 1.24 7.94 -7.50
O2 EDO P . -0.11 7.52 -7.75
C1 EDO Q . 16.60 21.55 -10.35
O1 EDO Q . 17.47 20.71 -11.14
C2 EDO Q . 17.17 21.70 -8.95
O2 EDO Q . 17.18 20.40 -8.34
C1 EDO R . -13.63 10.70 15.73
O1 EDO R . -13.27 10.68 17.12
C2 EDO R . -12.41 11.18 14.96
O2 EDO R . -11.22 10.62 15.56
C1 EDO S . -11.49 11.39 10.21
O1 EDO S . -12.91 11.43 9.99
C2 EDO S . -11.25 11.44 11.71
O2 EDO S . -10.17 10.56 12.08
#